data_3DZI
#
_entry.id   3DZI
#
_cell.length_a   41.669
_cell.length_b   52.747
_cell.length_c   65.133
_cell.angle_alpha   106.09
_cell.angle_beta   91.92
_cell.angle_gamma   95.27
#
_symmetry.space_group_name_H-M   'P 1'
#
loop_
_entity.id
_entity.type
_entity.pdbx_description
1 polymer 'ADP-ribosyl cyclase 1'
2 non-polymer '2-amino-9-{5-O-[(R)-hydroxy{[(R)-hydroxy(phosphonooxy)phosphoryl]oxy}phosphoryl]-beta-D-ribofuranosyl}-9H-purin-6-yl 5-O-phosphono-beta-D-ribofuranoside'
3 non-polymer "ANY 5'-MONOPHOSPHATE NUCLEOTIDE"
4 non-polymer "GUANOSINE-5'-TRIPHOSPHATE"
5 water water
#
_entity_poly.entity_id   1
_entity_poly.type   'polypeptide(L)'
_entity_poly.pdbx_seq_one_letter_code
;KREAEARWRQTWSGPGTTKRFPETVLARCVKYTEIHPEMRHVDCQSVWDAFKGAFISKHPCDITEEDYQPLMKLGTQTVP
CNKILLWSRIKDLAHQFTQVQRDMFTLEDTLLGYLADDLTWCGEFDTSKINYQSCPDWRKDCSNNPVSVFWKTVSRRFAE
AACDVVHVMLDGSRSKIFDKDSTFGSVEVHNLQPEKVQTLEAWVIHGGREDSRDLCQDPTIKELESIISKRNIQFSCKNI
YRPDKFLQCVKNPEDSSCTSEI
;
_entity_poly.pdbx_strand_id   A,B
#
loop_
_chem_comp.id
_chem_comp.type
_chem_comp.name
_chem_comp.formula
GTP non-polymer GUANOSINE-5'-TRIPHOSPHATE 'C10 H16 N5 O14 P3'
N RNA linking 'ANY 5'-MONOPHOSPHATE NUCLEOTIDE' 'C5 H11 O7 P'
RGT non-polymer '2-amino-9-{5-O-[(R)-hydroxy{[(R)-hydroxy(phosphonooxy)phosphoryl]oxy}phosphoryl]-beta-D-ribofuranosyl}-9H-purin-6-yl 5-O-phosphono-beta-D-ribofuranoside' 'C15 H25 N5 O21 P4'
#
# COMPACT_ATOMS: atom_id res chain seq x y z
N ARG A 7 -10.85 -29.97 -24.80
CA ARG A 7 -12.13 -29.27 -24.41
C ARG A 7 -12.22 -27.99 -25.21
N TRP A 8 -13.40 -27.75 -25.77
CA TRP A 8 -13.59 -26.66 -26.71
C TRP A 8 -13.64 -25.28 -26.04
N ARG A 9 -13.71 -25.23 -24.71
CA ARG A 9 -13.71 -23.96 -23.98
C ARG A 9 -12.97 -24.06 -22.64
N GLN A 10 -12.54 -22.92 -22.10
CA GLN A 10 -11.81 -22.91 -20.83
C GLN A 10 -12.32 -21.85 -19.88
N THR A 11 -12.10 -22.09 -18.59
CA THR A 11 -12.61 -21.24 -17.51
C THR A 11 -12.18 -19.77 -17.63
N TRP A 12 -10.92 -19.53 -17.99
CA TRP A 12 -10.37 -18.20 -18.04
C TRP A 12 -9.93 -17.87 -19.45
N SER A 13 -9.64 -16.59 -19.68
CA SER A 13 -9.23 -16.06 -21.00
C SER A 13 -7.74 -16.04 -21.28
N GLY A 14 -6.93 -16.20 -20.24
CA GLY A 14 -5.47 -16.21 -20.38
C GLY A 14 -4.85 -17.58 -20.60
N PRO A 15 -3.61 -17.63 -21.14
CA PRO A 15 -2.82 -18.87 -21.15
C PRO A 15 -2.79 -19.54 -19.78
N GLY A 16 -2.84 -20.88 -19.80
CA GLY A 16 -2.80 -21.68 -18.60
C GLY A 16 -1.38 -21.77 -18.07
N THR A 17 -1.21 -22.46 -16.95
CA THR A 17 0.10 -22.57 -16.31
C THR A 17 1.17 -23.12 -17.27
N THR A 18 2.39 -22.57 -17.22
CA THR A 18 3.49 -23.05 -18.08
C THR A 18 3.75 -24.51 -17.82
N LYS A 19 3.92 -25.30 -18.89
CA LYS A 19 4.08 -26.72 -18.73
C LYS A 19 5.26 -26.99 -17.81
N ARG A 20 5.10 -28.01 -16.95
CA ARG A 20 6.16 -28.42 -16.02
C ARG A 20 6.62 -27.25 -15.15
N PHE A 21 5.65 -26.44 -14.75
CA PHE A 21 5.92 -25.27 -13.91
C PHE A 21 6.70 -25.60 -12.62
N PRO A 22 6.27 -26.62 -11.86
CA PRO A 22 7.00 -26.95 -10.63
C PRO A 22 8.44 -27.29 -10.92
N GLU A 23 8.65 -28.13 -11.93
CA GLU A 23 10.01 -28.54 -12.34
C GLU A 23 10.84 -27.37 -12.83
N THR A 24 10.21 -26.48 -13.61
CA THR A 24 10.88 -25.26 -14.12
C THR A 24 11.33 -24.34 -12.97
N VAL A 25 10.43 -24.02 -12.05
CA VAL A 25 10.76 -23.13 -10.91
C VAL A 25 11.87 -23.73 -10.05
N LEU A 26 11.71 -25.02 -9.72
CA LEU A 26 12.71 -25.74 -8.94
C LEU A 26 14.09 -25.66 -9.61
N ALA A 27 14.14 -25.98 -10.91
CA ALA A 27 15.38 -25.99 -11.67
C ALA A 27 16.01 -24.60 -11.78
N ARG A 28 15.17 -23.59 -11.94
CA ARG A 28 15.65 -22.20 -11.95
C ARG A 28 16.23 -21.79 -10.60
N CYS A 29 15.60 -22.23 -9.53
CA CYS A 29 16.08 -21.92 -8.20
C CYS A 29 17.46 -22.57 -7.97
N VAL A 30 17.54 -23.85 -8.30
CA VAL A 30 18.83 -24.56 -8.21
C VAL A 30 19.95 -23.82 -9.00
N LYS A 31 19.64 -23.49 -10.26
CA LYS A 31 20.65 -22.83 -11.11
C LYS A 31 21.10 -21.48 -10.51
N TYR A 32 20.11 -20.68 -10.11
CA TYR A 32 20.35 -19.36 -9.55
C TYR A 32 21.25 -19.43 -8.30
N THR A 33 20.84 -20.27 -7.34
CA THR A 33 21.55 -20.38 -6.06
C THR A 33 22.92 -21.03 -6.30
N GLU A 34 23.01 -21.81 -7.43
CA GLU A 34 24.35 -22.35 -7.79
C GLU A 34 25.25 -21.25 -8.31
N ILE A 35 24.68 -20.34 -9.11
CA ILE A 35 25.48 -19.25 -9.68
C ILE A 35 25.73 -18.11 -8.68
N HIS A 36 24.75 -17.73 -7.93
CA HIS A 36 24.82 -16.54 -7.07
C HIS A 36 25.17 -16.91 -5.65
N PRO A 37 26.40 -16.63 -5.26
CA PRO A 37 26.93 -17.06 -3.98
C PRO A 37 26.05 -16.61 -2.77
N GLU A 38 25.56 -15.38 -2.85
CA GLU A 38 24.84 -14.86 -1.70
C GLU A 38 23.56 -15.63 -1.44
N MET A 39 23.12 -16.39 -2.44
CA MET A 39 21.88 -17.17 -2.36
C MET A 39 22.17 -18.65 -2.20
N ARG A 40 23.37 -18.94 -1.70
CA ARG A 40 23.97 -20.28 -1.73
C ARG A 40 23.38 -21.25 -0.72
N HIS A 41 22.69 -20.69 0.28
CA HIS A 41 22.15 -21.47 1.39
C HIS A 41 20.70 -21.73 1.14
N VAL A 42 20.08 -20.85 0.35
CA VAL A 42 18.65 -20.97 0.02
C VAL A 42 18.25 -22.43 -0.23
N ASP A 43 17.13 -22.85 0.37
CA ASP A 43 16.62 -24.21 0.19
C ASP A 43 15.55 -24.13 -0.90
N CYS A 44 15.87 -24.67 -2.07
CA CYS A 44 15.00 -24.50 -3.25
C CYS A 44 13.68 -25.25 -3.13
N GLN A 45 13.68 -26.35 -2.39
CA GLN A 45 12.43 -27.01 -2.04
C GLN A 45 11.50 -26.09 -1.23
N SER A 46 12.04 -25.44 -0.19
CA SER A 46 11.26 -24.53 0.63
C SER A 46 10.77 -23.39 -0.25
N VAL A 47 11.64 -22.89 -1.14
CA VAL A 47 11.20 -21.82 -2.06
C VAL A 47 10.00 -22.31 -2.88
N TRP A 48 10.13 -23.47 -3.51
CA TRP A 48 9.04 -24.02 -4.30
C TRP A 48 7.76 -24.17 -3.50
N ASP A 49 7.89 -24.66 -2.26
CA ASP A 49 6.72 -24.87 -1.39
C ASP A 49 6.03 -23.56 -1.05
N ALA A 50 6.83 -22.54 -0.72
CA ALA A 50 6.30 -21.22 -0.45
C ALA A 50 5.63 -20.60 -1.67
N PHE A 51 6.18 -20.85 -2.86
CA PHE A 51 5.64 -20.29 -4.13
C PHE A 51 4.28 -20.93 -4.33
N LYS A 52 4.26 -22.27 -4.28
CA LYS A 52 3.05 -23.07 -4.28
C LYS A 52 2.00 -22.59 -3.29
N GLY A 53 2.43 -22.34 -2.07
CA GLY A 53 1.56 -21.89 -0.99
C GLY A 53 0.82 -20.61 -1.26
N ALA A 54 1.41 -19.72 -2.08
CA ALA A 54 0.78 -18.46 -2.43
C ALA A 54 -0.48 -18.62 -3.28
N PHE A 55 -0.59 -19.68 -4.08
CA PHE A 55 -1.73 -19.78 -5.01
C PHE A 55 -2.47 -21.11 -5.08
N ILE A 56 -1.88 -22.19 -4.61
CA ILE A 56 -2.57 -23.50 -4.69
C ILE A 56 -3.77 -23.53 -3.75
N SER A 57 -4.88 -24.09 -4.23
CA SER A 57 -6.09 -24.22 -3.41
C SER A 57 -6.79 -22.87 -3.17
N LYS A 58 -6.35 -21.85 -3.88
CA LYS A 58 -6.88 -20.52 -3.71
C LYS A 58 -7.56 -20.09 -4.99
N HIS A 59 -8.60 -19.29 -4.86
CA HIS A 59 -9.32 -18.83 -6.04
C HIS A 59 -8.36 -17.87 -6.77
N PRO A 60 -8.12 -18.10 -8.09
CA PRO A 60 -7.09 -17.34 -8.79
C PRO A 60 -7.51 -15.92 -9.13
N CYS A 61 -8.70 -15.52 -8.71
CA CYS A 61 -9.07 -14.10 -8.72
C CYS A 61 -9.07 -13.51 -7.33
N ASP A 62 -8.50 -14.22 -6.36
CA ASP A 62 -8.54 -13.77 -4.99
C ASP A 62 -7.19 -13.88 -4.32
N ILE A 63 -6.13 -13.52 -5.05
CA ILE A 63 -4.76 -13.58 -4.54
C ILE A 63 -4.42 -12.24 -3.98
N THR A 64 -3.65 -12.24 -2.91
CA THR A 64 -3.24 -10.99 -2.28
C THR A 64 -1.74 -10.99 -2.18
N GLU A 65 -1.20 -9.82 -1.85
CA GLU A 65 0.23 -9.70 -1.64
C GLU A 65 0.66 -10.56 -0.46
N GLU A 66 -0.24 -10.70 0.54
CA GLU A 66 0.08 -11.49 1.73
C GLU A 66 0.34 -12.93 1.39
N ASP A 67 -0.37 -13.44 0.39
CA ASP A 67 -0.17 -14.81 -0.07
C ASP A 67 1.29 -15.06 -0.42
N TYR A 68 1.96 -14.06 -0.98
CA TYR A 68 3.34 -14.20 -1.39
C TYR A 68 4.39 -13.88 -0.31
N GLN A 69 3.96 -13.56 0.92
CA GLN A 69 4.95 -13.18 1.93
C GLN A 69 5.92 -14.31 2.35
N PRO A 70 5.43 -15.55 2.55
CA PRO A 70 6.40 -16.62 2.78
C PRO A 70 7.47 -16.67 1.68
N LEU A 71 7.09 -16.59 0.41
CA LEU A 71 8.06 -16.65 -0.68
C LEU A 71 8.98 -15.43 -0.67
N MET A 72 8.41 -14.25 -0.40
CA MET A 72 9.22 -13.01 -0.33
C MET A 72 10.30 -13.12 0.74
N LYS A 73 9.92 -13.62 1.91
CA LYS A 73 10.87 -13.84 3.01
C LYS A 73 12.02 -14.76 2.57
N LEU A 74 11.69 -15.88 1.96
CA LEU A 74 12.69 -16.82 1.50
C LEU A 74 13.58 -16.25 0.40
N GLY A 75 13.01 -15.37 -0.43
CA GLY A 75 13.71 -14.77 -1.55
C GLY A 75 14.38 -13.44 -1.22
N THR A 76 14.38 -13.07 0.06
CA THR A 76 15.07 -11.83 0.54
C THR A 76 16.49 -11.81 0.02
N GLN A 77 16.88 -10.70 -0.61
CA GLN A 77 18.20 -10.64 -1.24
C GLN A 77 18.68 -9.21 -1.35
N THR A 78 19.94 -8.97 -0.98
CA THR A 78 20.52 -7.63 -1.09
C THR A 78 20.85 -7.36 -2.56
N VAL A 79 20.43 -6.21 -3.05
CA VAL A 79 20.75 -5.83 -4.43
C VAL A 79 21.55 -4.52 -4.29
N PRO A 80 22.63 -4.33 -5.05
CA PRO A 80 23.32 -3.05 -4.95
C PRO A 80 22.38 -1.88 -5.29
N CYS A 81 22.04 -1.07 -4.29
CA CYS A 81 20.87 -0.15 -4.42
C CYS A 81 21.03 0.90 -5.50
N ASN A 82 22.29 1.26 -5.82
CA ASN A 82 22.60 2.34 -6.76
C ASN A 82 22.78 1.84 -8.18
N LYS A 83 22.54 0.55 -8.41
CA LYS A 83 22.79 -0.02 -9.72
C LYS A 83 21.55 -0.67 -10.34
N ILE A 84 20.38 -0.15 -9.97
CA ILE A 84 19.13 -0.78 -10.40
C ILE A 84 18.73 -0.26 -11.76
N LEU A 85 18.32 -1.20 -12.63
CA LEU A 85 17.76 -0.84 -13.93
C LEU A 85 16.33 -1.35 -13.96
N LEU A 86 15.43 -0.39 -14.09
CA LEU A 86 14.04 -0.69 -14.34
C LEU A 86 13.79 -0.69 -15.84
N TRP A 87 12.65 -1.23 -16.26
CA TRP A 87 12.38 -1.21 -17.70
C TRP A 87 10.90 -1.32 -17.91
N SER A 88 10.47 -0.88 -19.09
CA SER A 88 9.07 -0.99 -19.41
C SER A 88 9.01 -1.43 -20.88
N ARG A 89 8.40 -2.61 -21.10
CA ARG A 89 8.21 -3.26 -22.40
C ARG A 89 9.48 -3.89 -23.02
N ILE A 90 10.60 -3.16 -23.03
CA ILE A 90 11.78 -3.65 -23.72
C ILE A 90 12.77 -4.43 -22.84
N LYS A 91 12.30 -5.58 -22.37
CA LYS A 91 13.11 -6.37 -21.48
C LYS A 91 14.33 -6.98 -22.14
N ASP A 92 14.26 -7.36 -23.41
CA ASP A 92 15.42 -7.98 -24.06
C ASP A 92 16.65 -7.10 -24.04
N LEU A 93 16.51 -5.83 -24.43
CA LEU A 93 17.65 -4.91 -24.39
C LEU A 93 18.15 -4.74 -22.95
N ALA A 94 17.22 -4.48 -22.01
CA ALA A 94 17.60 -4.35 -20.61
C ALA A 94 18.45 -5.54 -20.16
N HIS A 95 18.01 -6.75 -20.51
CA HIS A 95 18.70 -7.96 -20.09
C HIS A 95 20.03 -8.15 -20.82
N GLN A 96 20.05 -7.91 -22.13
CA GLN A 96 21.30 -7.98 -22.89
C GLN A 96 22.30 -6.99 -22.32
N PHE A 97 21.83 -5.82 -21.90
CA PHE A 97 22.71 -4.80 -21.37
C PHE A 97 23.36 -5.28 -20.06
N THR A 98 22.54 -5.70 -19.10
CA THR A 98 23.10 -6.09 -17.79
C THR A 98 23.94 -7.36 -17.92
N GLN A 99 23.72 -8.15 -18.97
CA GLN A 99 24.55 -9.33 -19.16
C GLN A 99 26.01 -9.05 -19.57
N VAL A 100 26.31 -7.87 -20.11
CA VAL A 100 27.67 -7.60 -20.62
C VAL A 100 28.79 -7.65 -19.55
N GLN A 101 28.55 -6.86 -18.50
CA GLN A 101 29.52 -6.75 -17.40
C GLN A 101 28.83 -6.36 -16.08
N ARG A 102 27.51 -6.63 -15.97
CA ARG A 102 26.75 -6.42 -14.74
C ARG A 102 26.89 -4.99 -14.31
N ASP A 103 26.75 -4.06 -15.27
CA ASP A 103 26.83 -2.62 -14.96
C ASP A 103 25.65 -2.24 -14.06
N MET A 104 24.52 -2.90 -14.30
CA MET A 104 23.29 -2.76 -13.55
C MET A 104 22.57 -4.12 -13.29
N PHE A 105 21.46 -4.09 -12.53
CA PHE A 105 20.70 -5.25 -12.10
C PHE A 105 19.25 -4.93 -12.42
N THR A 106 18.57 -5.81 -13.16
CA THR A 106 17.10 -5.71 -13.32
C THR A 106 16.43 -6.65 -12.32
N LEU A 107 15.12 -6.59 -12.25
CA LEU A 107 14.38 -7.43 -11.36
C LEU A 107 14.62 -8.92 -11.66
N GLU A 108 14.85 -9.22 -12.94
CA GLU A 108 14.99 -10.61 -13.42
C GLU A 108 16.39 -11.16 -13.09
N ASP A 109 17.25 -10.29 -12.56
CA ASP A 109 18.55 -10.67 -12.07
C ASP A 109 18.51 -11.04 -10.58
N THR A 110 17.35 -10.86 -9.94
CA THR A 110 17.14 -11.27 -8.55
C THR A 110 16.61 -12.70 -8.59
N LEU A 111 16.74 -13.46 -7.52
CA LEU A 111 16.24 -14.83 -7.46
C LEU A 111 14.76 -14.85 -7.86
N LEU A 112 13.96 -14.01 -7.21
CA LEU A 112 12.52 -14.13 -7.45
C LEU A 112 12.14 -13.75 -8.87
N GLY A 113 12.72 -12.68 -9.40
CA GLY A 113 12.44 -12.30 -10.78
C GLY A 113 12.92 -13.38 -11.75
N TYR A 114 14.08 -13.97 -11.48
CA TYR A 114 14.59 -15.06 -12.29
C TYR A 114 13.67 -16.31 -12.28
N LEU A 115 13.15 -16.64 -11.11
CA LEU A 115 12.25 -17.81 -10.97
C LEU A 115 11.02 -17.63 -11.86
N ALA A 116 10.43 -16.44 -11.85
CA ALA A 116 9.11 -16.23 -12.53
C ALA A 116 9.13 -15.72 -13.95
N ASP A 117 10.30 -15.26 -14.41
CA ASP A 117 10.39 -14.60 -15.70
C ASP A 117 9.77 -15.45 -16.83
N ASP A 118 8.84 -14.88 -17.58
CA ASP A 118 8.19 -15.54 -18.72
C ASP A 118 7.24 -16.69 -18.35
N LEU A 119 6.98 -16.90 -17.07
CA LEU A 119 6.13 -18.01 -16.66
C LEU A 119 4.72 -17.52 -16.34
N THR A 120 3.75 -18.42 -16.54
CA THR A 120 2.34 -18.24 -16.15
C THR A 120 2.00 -19.36 -15.15
N TRP A 121 1.18 -19.05 -14.14
CA TRP A 121 0.72 -20.08 -13.20
C TRP A 121 -0.59 -19.66 -12.55
N CYS A 122 -1.40 -20.66 -12.19
CA CYS A 122 -2.56 -20.41 -11.33
C CYS A 122 -3.06 -21.76 -10.82
N GLY A 123 -3.83 -21.71 -9.73
CA GLY A 123 -4.48 -22.92 -9.16
C GLY A 123 -5.98 -22.78 -9.25
N GLU A 124 -6.67 -23.48 -8.34
CA GLU A 124 -8.12 -23.64 -8.38
C GLU A 124 -8.63 -23.55 -6.96
N PHE A 125 -9.77 -22.92 -6.76
CA PHE A 125 -10.32 -22.87 -5.42
C PHE A 125 -10.65 -24.29 -5.00
N ASP A 126 -10.22 -24.65 -3.79
CA ASP A 126 -10.65 -25.92 -3.16
C ASP A 126 -10.27 -27.21 -3.89
N THR A 127 -9.25 -27.11 -4.74
CA THR A 127 -8.48 -28.28 -5.12
C THR A 127 -7.04 -27.88 -5.07
N SER A 128 -6.15 -28.86 -4.94
CA SER A 128 -4.75 -28.52 -4.90
C SER A 128 -4.11 -28.59 -6.29
N LYS A 129 -4.91 -28.60 -7.35
CA LYS A 129 -4.37 -28.77 -8.71
C LYS A 129 -3.87 -27.47 -9.31
N ILE A 130 -2.76 -27.57 -10.03
CA ILE A 130 -2.28 -26.46 -10.88
C ILE A 130 -3.21 -26.44 -12.10
N ASN A 131 -3.57 -25.25 -12.59
CA ASN A 131 -4.43 -25.13 -13.77
C ASN A 131 -3.59 -24.92 -15.03
N TYR A 132 -3.44 -25.98 -15.82
CA TYR A 132 -2.66 -25.94 -17.05
C TYR A 132 -3.46 -25.59 -18.27
N GLN A 133 -4.77 -25.38 -18.10
CA GLN A 133 -5.68 -25.12 -19.22
C GLN A 133 -5.88 -23.62 -19.47
N SER A 134 -6.06 -22.85 -18.39
CA SER A 134 -6.17 -21.40 -18.51
C SER A 134 -5.92 -20.75 -17.17
N CYS A 135 -5.54 -19.47 -17.20
CA CYS A 135 -5.40 -18.66 -16.00
C CYS A 135 -6.01 -17.30 -16.31
N PRO A 136 -6.42 -16.58 -15.26
CA PRO A 136 -7.08 -15.29 -15.48
C PRO A 136 -6.28 -14.30 -16.32
N ASP A 137 -6.95 -13.69 -17.30
CA ASP A 137 -6.36 -12.55 -17.99
C ASP A 137 -6.53 -11.29 -17.12
N TRP A 138 -5.45 -10.50 -16.96
CA TRP A 138 -5.50 -9.30 -16.14
C TRP A 138 -6.66 -8.36 -16.52
N ARG A 139 -6.84 -8.13 -17.82
CA ARG A 139 -7.89 -7.25 -18.32
C ARG A 139 -9.29 -7.90 -18.26
N LYS A 140 -9.44 -9.03 -18.96
CA LYS A 140 -10.74 -9.63 -19.19
C LYS A 140 -11.33 -10.30 -17.95
N ASP A 141 -10.46 -10.84 -17.10
CA ASP A 141 -10.93 -11.68 -16.00
C ASP A 141 -10.81 -11.02 -14.64
N CYS A 142 -9.58 -10.82 -14.18
CA CYS A 142 -9.32 -10.17 -12.88
C CYS A 142 -7.89 -9.77 -12.77
N SER A 143 -7.65 -8.67 -12.06
CA SER A 143 -6.27 -8.25 -11.82
C SER A 143 -5.61 -8.94 -10.62
N ASN A 144 -6.39 -9.43 -9.65
CA ASN A 144 -5.80 -10.08 -8.46
C ASN A 144 -5.51 -11.54 -8.73
N ASN A 145 -4.82 -11.82 -9.82
CA ASN A 145 -4.50 -13.19 -10.16
C ASN A 145 -3.06 -13.54 -9.69
N PRO A 146 -2.71 -14.84 -9.67
CA PRO A 146 -1.42 -15.18 -9.09
C PRO A 146 -0.23 -14.51 -9.77
N VAL A 147 -0.26 -14.39 -11.09
CA VAL A 147 0.90 -13.83 -11.79
C VAL A 147 0.98 -12.30 -11.61
N SER A 148 -0.12 -11.62 -11.86
CA SER A 148 -0.13 -10.15 -11.71
C SER A 148 0.21 -9.74 -10.28
N VAL A 149 -0.28 -10.50 -9.31
CA VAL A 149 -0.07 -10.10 -7.91
C VAL A 149 1.38 -10.35 -7.53
N PHE A 150 1.95 -11.44 -8.03
CA PHE A 150 3.36 -11.72 -7.82
C PHE A 150 4.21 -10.56 -8.30
N TRP A 151 3.99 -10.12 -9.54
CA TRP A 151 4.89 -9.10 -10.12
C TRP A 151 4.72 -7.78 -9.41
N LYS A 152 3.49 -7.49 -9.01
CA LYS A 152 3.26 -6.22 -8.34
C LYS A 152 4.04 -6.26 -7.00
N THR A 153 3.96 -7.39 -6.32
CA THR A 153 4.56 -7.49 -5.00
C THR A 153 6.08 -7.39 -5.05
N VAL A 154 6.67 -8.19 -5.94
CA VAL A 154 8.14 -8.19 -6.10
C VAL A 154 8.65 -6.87 -6.69
N SER A 155 7.91 -6.25 -7.61
CA SER A 155 8.35 -4.97 -8.21
C SER A 155 8.31 -3.83 -7.18
N ARG A 156 7.32 -3.86 -6.29
CA ARG A 156 7.28 -2.87 -5.23
C ARG A 156 8.52 -2.99 -4.32
N ARG A 157 8.83 -4.19 -3.89
CA ARG A 157 10.00 -4.39 -3.05
C ARG A 157 11.29 -3.98 -3.73
N PHE A 158 11.42 -4.32 -5.01
CA PHE A 158 12.62 -3.99 -5.77
C PHE A 158 12.78 -2.46 -5.88
N ALA A 159 11.68 -1.77 -6.21
CA ALA A 159 11.71 -0.31 -6.28
C ALA A 159 12.07 0.35 -4.92
N GLU A 160 11.59 -0.23 -3.83
CA GLU A 160 11.86 0.33 -2.48
C GLU A 160 13.31 0.13 -2.10
N ALA A 161 13.98 -0.81 -2.75
CA ALA A 161 15.41 -1.05 -2.41
C ALA A 161 16.34 -0.08 -3.12
N ALA A 162 15.85 0.65 -4.12
CA ALA A 162 16.71 1.49 -4.94
C ALA A 162 17.23 2.72 -4.20
N CYS A 163 18.41 3.20 -4.58
CA CYS A 163 18.92 4.45 -4.07
C CYS A 163 19.72 5.18 -5.16
N ASP A 164 20.14 6.39 -4.83
CA ASP A 164 21.09 7.15 -5.61
C ASP A 164 20.49 7.42 -7.00
N VAL A 165 21.16 7.00 -8.08
CA VAL A 165 20.58 7.18 -9.42
C VAL A 165 19.95 5.85 -9.85
N VAL A 166 18.68 5.89 -10.22
CA VAL A 166 17.99 4.68 -10.69
C VAL A 166 17.71 4.90 -12.18
N HIS A 167 17.98 3.88 -12.97
CA HIS A 167 17.80 4.02 -14.43
C HIS A 167 16.57 3.26 -14.87
N VAL A 168 15.92 3.74 -15.95
CA VAL A 168 14.83 2.99 -16.53
C VAL A 168 14.96 3.03 -18.06
N MET A 169 14.89 1.88 -18.71
CA MET A 169 14.82 1.80 -20.20
C MET A 169 13.35 1.81 -20.60
N LEU A 170 13.01 2.67 -21.52
CA LEU A 170 11.63 2.80 -21.97
C LEU A 170 11.63 2.59 -23.48
N ASP A 171 10.52 2.05 -24.00
CA ASP A 171 10.41 1.69 -25.41
C ASP A 171 9.90 2.87 -26.23
N GLY A 172 10.82 3.54 -26.92
CA GLY A 172 10.51 4.74 -27.69
C GLY A 172 9.72 4.48 -28.95
N SER A 173 9.53 3.20 -29.32
CA SER A 173 8.72 2.87 -30.52
C SER A 173 7.21 2.68 -30.23
N ARG A 174 6.83 2.71 -28.96
CA ARG A 174 5.45 2.57 -28.54
C ARG A 174 4.75 3.91 -28.51
N SER A 175 3.42 3.88 -28.64
CA SER A 175 2.62 5.09 -28.65
C SER A 175 2.56 5.81 -27.30
N LYS A 176 2.80 5.06 -26.23
CA LYS A 176 2.97 5.57 -24.87
C LYS A 176 4.36 5.17 -24.35
N ILE A 177 5.37 6.01 -24.55
CA ILE A 177 6.73 5.69 -24.12
C ILE A 177 6.75 5.45 -22.62
N PHE A 178 6.17 6.39 -21.89
CA PHE A 178 5.86 6.14 -20.49
C PHE A 178 4.37 5.85 -20.38
N ASP A 179 4.05 4.70 -19.80
CA ASP A 179 2.69 4.21 -19.68
C ASP A 179 2.35 4.08 -18.19
N LYS A 180 1.42 4.88 -17.71
CA LYS A 180 1.11 4.88 -16.27
C LYS A 180 0.46 3.58 -15.79
N ASP A 181 -0.01 2.77 -16.73
CA ASP A 181 -0.65 1.51 -16.41
C ASP A 181 0.31 0.33 -16.34
N SER A 182 1.55 0.53 -16.76
CA SER A 182 2.57 -0.51 -16.75
C SER A 182 2.99 -0.76 -15.31
N THR A 183 3.74 -1.83 -15.09
CA THR A 183 4.30 -2.10 -13.75
C THR A 183 5.23 -0.97 -13.34
N PHE A 184 6.04 -0.52 -14.31
CA PHE A 184 6.92 0.59 -14.04
C PHE A 184 6.10 1.81 -13.61
N GLY A 185 5.08 2.17 -14.39
CA GLY A 185 4.37 3.40 -14.14
C GLY A 185 3.39 3.34 -12.98
N SER A 186 2.83 2.17 -12.71
CA SER A 186 1.77 2.11 -11.69
C SER A 186 2.30 1.70 -10.31
N VAL A 187 3.46 1.02 -10.28
CA VAL A 187 4.01 0.43 -9.07
C VAL A 187 5.39 1.04 -8.81
N GLU A 188 6.33 0.89 -9.75
CA GLU A 188 7.72 1.21 -9.42
C GLU A 188 7.93 2.70 -9.18
N VAL A 189 7.35 3.55 -10.01
CA VAL A 189 7.57 4.99 -9.88
C VAL A 189 7.09 5.49 -8.51
N HIS A 190 6.04 4.86 -8.03
CA HIS A 190 5.40 5.30 -6.75
C HIS A 190 6.04 4.70 -5.50
N ASN A 191 6.95 3.75 -5.70
CA ASN A 191 7.61 3.05 -4.60
C ASN A 191 9.10 3.32 -4.43
N LEU A 192 9.69 4.08 -5.36
CA LEU A 192 11.05 4.66 -5.17
C LEU A 192 10.98 5.54 -3.93
N GLN A 193 12.01 5.51 -3.08
CA GLN A 193 11.93 6.21 -1.79
C GLN A 193 12.69 7.52 -1.92
N PRO A 194 11.98 8.66 -1.89
CA PRO A 194 12.63 9.93 -2.16
C PRO A 194 13.71 10.24 -1.15
N GLU A 195 13.66 9.63 0.03
CA GLU A 195 14.74 9.79 0.99
C GLU A 195 16.09 9.29 0.47
N LYS A 196 16.06 8.31 -0.45
CA LYS A 196 17.23 7.50 -0.84
C LYS A 196 17.60 7.75 -2.30
N VAL A 197 16.55 7.94 -3.11
CA VAL A 197 16.72 8.07 -4.57
C VAL A 197 16.92 9.53 -4.94
N GLN A 198 18.08 9.80 -5.58
CA GLN A 198 18.44 11.15 -5.95
C GLN A 198 17.79 11.46 -7.31
N THR A 199 17.95 10.57 -8.26
CA THR A 199 17.53 10.82 -9.64
C THR A 199 16.95 9.57 -10.25
N LEU A 200 15.93 9.76 -11.11
CA LEU A 200 15.54 8.70 -12.04
C LEU A 200 15.97 9.15 -13.40
N GLU A 201 16.79 8.31 -14.04
CA GLU A 201 17.29 8.66 -15.38
C GLU A 201 16.61 7.69 -16.35
N ALA A 202 15.86 8.21 -17.33
CA ALA A 202 15.20 7.37 -18.33
C ALA A 202 16.09 7.29 -19.56
N TRP A 203 16.24 6.08 -20.09
CA TRP A 203 16.87 5.90 -21.37
C TRP A 203 15.78 5.53 -22.36
N VAL A 204 15.52 6.42 -23.31
CA VAL A 204 14.45 6.20 -24.25
C VAL A 204 14.97 5.52 -25.51
N ILE A 205 14.63 4.24 -25.64
CA ILE A 205 15.21 3.39 -26.69
C ILE A 205 14.47 3.59 -28.01
N HIS A 206 15.17 4.09 -29.03
CA HIS A 206 14.54 4.24 -30.33
C HIS A 206 14.32 2.89 -31.03
N GLY A 207 13.29 2.82 -31.87
CA GLY A 207 12.96 1.60 -32.58
C GLY A 207 12.97 1.94 -34.05
N GLY A 208 12.72 3.23 -34.31
CA GLY A 208 12.80 3.81 -35.63
C GLY A 208 14.26 3.89 -36.01
N ARG A 209 14.56 3.32 -37.17
CA ARG A 209 15.89 3.25 -37.76
C ARG A 209 16.46 4.63 -38.03
N GLU A 210 17.76 4.80 -37.76
CA GLU A 210 18.52 6.01 -38.13
C GLU A 210 18.09 7.29 -37.40
N ASP A 211 17.95 8.39 -38.15
CA ASP A 211 17.66 9.72 -37.60
C ASP A 211 16.21 9.89 -37.14
N SER A 212 16.04 10.32 -35.88
CA SER A 212 14.72 10.46 -35.26
C SER A 212 14.62 11.67 -34.25
N ARG A 213 13.41 11.91 -33.76
CA ARG A 213 13.08 12.95 -32.79
C ARG A 213 13.89 12.92 -31.48
N ASP A 214 13.75 13.98 -30.68
CA ASP A 214 14.24 13.97 -29.32
C ASP A 214 13.05 13.47 -28.49
N LEU A 215 13.02 12.17 -28.25
CA LEU A 215 11.87 11.55 -27.58
C LEU A 215 11.83 11.88 -26.08
N CYS A 216 12.86 12.53 -25.58
CA CYS A 216 12.77 13.05 -24.21
C CYS A 216 11.78 14.20 -24.12
N GLN A 217 11.33 14.73 -25.27
CA GLN A 217 10.31 15.78 -25.32
C GLN A 217 8.89 15.21 -25.47
N ASP A 218 8.77 13.88 -25.49
CA ASP A 218 7.49 13.24 -25.72
C ASP A 218 6.55 13.60 -24.57
N PRO A 219 5.28 13.90 -24.87
CA PRO A 219 4.37 14.27 -23.77
C PRO A 219 4.34 13.27 -22.63
N THR A 220 4.47 11.98 -22.92
CA THR A 220 4.43 11.00 -21.79
C THR A 220 5.71 11.06 -20.94
N ILE A 221 6.83 11.43 -21.55
CA ILE A 221 8.07 11.66 -20.80
C ILE A 221 7.95 12.89 -19.90
N LYS A 222 7.25 13.90 -20.40
CA LYS A 222 7.05 15.10 -19.62
C LYS A 222 6.15 14.77 -18.43
N GLU A 223 5.21 13.86 -18.64
CA GLU A 223 4.35 13.43 -17.56
C GLU A 223 5.20 12.71 -16.49
N LEU A 224 6.01 11.77 -16.93
CA LEU A 224 6.90 11.05 -16.02
C LEU A 224 7.78 12.04 -15.28
N GLU A 225 8.35 13.00 -15.99
CA GLU A 225 9.18 14.01 -15.31
C GLU A 225 8.40 14.71 -14.21
N SER A 226 7.16 15.08 -14.53
CA SER A 226 6.33 15.82 -13.57
C SER A 226 6.08 14.96 -12.36
N ILE A 227 5.66 13.73 -12.62
CA ILE A 227 5.37 12.83 -11.49
C ILE A 227 6.61 12.69 -10.60
N ILE A 228 7.76 12.40 -11.20
CA ILE A 228 8.94 12.13 -10.40
C ILE A 228 9.39 13.38 -9.67
N SER A 229 9.35 14.54 -10.36
CA SER A 229 9.80 15.80 -9.80
C SER A 229 8.94 16.10 -8.56
N LYS A 230 7.64 15.82 -8.68
CA LYS A 230 6.70 16.12 -7.60
C LYS A 230 6.87 15.16 -6.43
N ARG A 231 7.66 14.11 -6.61
CA ARG A 231 7.97 13.19 -5.49
C ARG A 231 9.26 13.64 -4.81
N ASN A 232 9.85 14.74 -5.27
CA ASN A 232 11.18 15.24 -4.77
C ASN A 232 12.32 14.34 -5.18
N ILE A 233 12.22 13.82 -6.40
CA ILE A 233 13.28 13.07 -7.05
C ILE A 233 13.62 13.79 -8.40
N GLN A 234 14.90 13.92 -8.73
CA GLN A 234 15.30 14.62 -9.95
C GLN A 234 15.06 13.69 -11.13
N PHE A 235 14.76 14.25 -12.28
CA PHE A 235 14.53 13.45 -13.48
C PHE A 235 15.53 13.82 -14.56
N SER A 236 16.11 12.80 -15.20
CA SER A 236 17.02 13.00 -16.33
C SER A 236 16.52 12.07 -17.43
N CYS A 237 16.77 12.45 -18.69
CA CYS A 237 16.33 11.61 -19.81
C CYS A 237 17.39 11.69 -20.91
N LYS A 238 17.63 10.53 -21.53
CA LYS A 238 18.57 10.41 -22.64
C LYS A 238 17.95 9.56 -23.70
N ASN A 239 18.18 9.97 -24.94
CA ASN A 239 17.78 9.17 -26.09
C ASN A 239 18.83 8.13 -26.37
N ILE A 240 18.43 6.90 -26.63
CA ILE A 240 19.34 5.92 -27.23
C ILE A 240 18.86 5.69 -28.64
N TYR A 241 19.49 6.40 -29.58
CA TYR A 241 19.08 6.41 -30.98
C TYR A 241 19.32 5.09 -31.72
N ARG A 242 20.47 4.45 -31.46
CA ARG A 242 20.76 3.16 -32.06
C ARG A 242 21.14 2.16 -30.98
N PRO A 243 20.14 1.42 -30.47
CA PRO A 243 20.35 0.39 -29.43
C PRO A 243 21.45 -0.61 -29.82
N ASP A 244 21.54 -0.97 -31.11
CA ASP A 244 22.61 -1.88 -31.53
C ASP A 244 23.98 -1.26 -31.30
N LYS A 245 24.14 0.01 -31.62
CA LYS A 245 25.39 0.72 -31.40
C LYS A 245 25.65 0.82 -29.90
N PHE A 246 24.58 1.15 -29.17
CA PHE A 246 24.65 1.23 -27.72
C PHE A 246 25.26 -0.06 -27.16
N LEU A 247 24.68 -1.21 -27.46
CA LEU A 247 25.20 -2.47 -26.92
C LEU A 247 26.64 -2.73 -27.30
N GLN A 248 26.99 -2.40 -28.54
CA GLN A 248 28.33 -2.55 -29.03
C GLN A 248 29.29 -1.69 -28.20
N CYS A 249 28.86 -0.48 -27.88
CA CYS A 249 29.72 0.43 -27.14
C CYS A 249 29.88 -0.02 -25.70
N VAL A 250 28.87 -0.71 -25.21
CA VAL A 250 28.92 -1.28 -23.85
C VAL A 250 29.94 -2.41 -23.83
N LYS A 251 29.93 -3.25 -24.87
CA LYS A 251 30.83 -4.41 -24.95
C LYS A 251 32.25 -3.97 -25.22
N ASN A 252 32.39 -2.91 -26.00
CA ASN A 252 33.68 -2.43 -26.47
C ASN A 252 33.73 -0.91 -26.41
N PRO A 253 33.89 -0.33 -25.21
CA PRO A 253 33.70 1.10 -25.01
C PRO A 253 34.90 1.86 -25.52
N GLU A 254 34.70 3.14 -25.88
CA GLU A 254 35.81 4.00 -26.36
C GLU A 254 36.47 3.41 -27.64
N ASP A 255 35.96 2.23 -28.02
CA ASP A 255 36.60 1.40 -28.96
C ASP A 255 36.35 2.02 -30.30
N SER A 256 35.09 2.22 -30.70
CA SER A 256 34.93 2.59 -32.14
C SER A 256 34.58 4.04 -32.47
N SER A 257 33.37 4.17 -32.94
CA SER A 257 32.70 5.42 -33.10
C SER A 257 31.82 5.64 -31.87
N CYS A 258 32.25 5.36 -30.58
CA CYS A 258 31.39 5.51 -29.44
C CYS A 258 31.56 6.87 -28.80
N ARG B 7 -15.60 9.92 -21.27
CA ARG B 7 -14.77 8.69 -21.30
C ARG B 7 -15.29 7.62 -20.33
N TRP B 8 -14.92 6.40 -20.65
CA TRP B 8 -15.56 5.23 -20.14
C TRP B 8 -14.66 4.54 -19.14
N ARG B 9 -13.47 5.09 -18.90
CA ARG B 9 -12.51 4.46 -17.98
C ARG B 9 -12.43 5.29 -16.72
N GLN B 10 -12.27 4.62 -15.59
CA GLN B 10 -11.93 5.38 -14.41
C GLN B 10 -10.51 5.06 -14.08
N THR B 11 -9.87 6.03 -13.45
CA THR B 11 -8.47 5.96 -13.17
C THR B 11 -8.16 4.93 -12.12
N TRP B 12 -9.03 4.84 -11.09
CA TRP B 12 -8.77 4.05 -9.90
C TRP B 12 -9.88 3.05 -9.58
N SER B 13 -9.59 2.16 -8.65
CA SER B 13 -10.48 1.03 -8.29
C SER B 13 -11.49 1.41 -7.21
N GLY B 14 -11.15 2.38 -6.38
CA GLY B 14 -11.96 2.68 -5.21
C GLY B 14 -13.00 3.76 -5.50
N PRO B 15 -13.94 3.97 -4.54
CA PRO B 15 -14.88 5.04 -4.66
C PRO B 15 -14.17 6.39 -4.79
N GLY B 16 -14.84 7.28 -5.48
CA GLY B 16 -14.25 8.57 -5.67
C GLY B 16 -14.59 9.53 -4.55
N THR B 17 -14.24 10.78 -4.77
CA THR B 17 -14.46 11.77 -3.68
C THR B 17 -15.96 11.88 -3.40
N THR B 18 -16.30 11.90 -2.11
CA THR B 18 -17.67 12.08 -1.69
C THR B 18 -18.27 13.33 -2.29
N LYS B 19 -19.52 13.23 -2.77
CA LYS B 19 -20.13 14.41 -3.42
C LYS B 19 -20.13 15.61 -2.49
N ARG B 20 -19.85 16.79 -3.03
CA ARG B 20 -19.88 18.07 -2.30
C ARG B 20 -18.86 18.07 -1.15
N PHE B 21 -17.76 17.38 -1.39
CA PHE B 21 -16.67 17.27 -0.39
C PHE B 21 -16.23 18.62 0.19
N PRO B 22 -15.91 19.63 -0.65
CA PRO B 22 -15.48 20.91 -0.09
C PRO B 22 -16.54 21.52 0.81
N GLU B 23 -17.78 21.57 0.33
CA GLU B 23 -18.87 22.12 1.12
C GLU B 23 -19.07 21.37 2.43
N THR B 24 -18.95 20.06 2.35
CA THR B 24 -19.12 19.18 3.51
C THR B 24 -18.06 19.39 4.60
N VAL B 25 -16.80 19.44 4.20
CA VAL B 25 -15.70 19.65 5.12
C VAL B 25 -15.90 21.02 5.79
N LEU B 26 -16.19 22.03 4.98
CA LEU B 26 -16.32 23.38 5.54
C LEU B 26 -17.49 23.41 6.53
N ALA B 27 -18.63 22.80 6.17
CA ALA B 27 -19.82 22.80 7.01
C ALA B 27 -19.56 22.03 8.30
N ARG B 28 -18.81 20.94 8.19
CA ARG B 28 -18.41 20.16 9.37
C ARG B 28 -17.49 20.96 10.28
N CYS B 29 -16.58 21.71 9.68
CA CYS B 29 -15.73 22.59 10.47
C CYS B 29 -16.57 23.62 11.24
N VAL B 30 -17.45 24.32 10.52
CA VAL B 30 -18.36 25.28 11.16
C VAL B 30 -19.16 24.63 12.31
N LYS B 31 -19.74 23.46 12.05
CA LYS B 31 -20.56 22.79 13.06
C LYS B 31 -19.75 22.35 14.27
N TYR B 32 -18.57 21.78 14.04
CA TYR B 32 -17.71 21.33 15.14
C TYR B 32 -17.36 22.48 16.07
N THR B 33 -16.95 23.60 15.49
CA THR B 33 -16.58 24.75 16.34
C THR B 33 -17.80 25.34 17.06
N GLU B 34 -18.99 25.21 16.45
CA GLU B 34 -20.23 25.63 17.13
C GLU B 34 -20.50 24.78 18.37
N ILE B 35 -20.34 23.48 18.20
CA ILE B 35 -20.59 22.49 19.24
C ILE B 35 -19.46 22.55 20.29
N HIS B 36 -18.24 22.82 19.83
CA HIS B 36 -17.06 22.78 20.71
C HIS B 36 -16.40 24.13 20.75
N PRO B 37 -16.86 25.03 21.66
CA PRO B 37 -16.37 26.40 21.67
C PRO B 37 -14.88 26.54 21.89
N GLU B 38 -14.25 25.54 22.47
CA GLU B 38 -12.81 25.63 22.72
C GLU B 38 -12.01 25.57 21.42
N MET B 39 -12.68 25.18 20.34
CA MET B 39 -12.01 25.14 19.03
C MET B 39 -12.37 26.31 18.12
N ARG B 40 -13.02 27.32 18.68
CA ARG B 40 -13.47 28.45 17.85
C ARG B 40 -12.36 29.39 17.36
N HIS B 41 -11.16 29.23 17.91
CA HIS B 41 -9.99 29.98 17.46
C HIS B 41 -9.56 29.55 16.06
N VAL B 42 -10.23 28.52 15.53
CA VAL B 42 -9.89 27.96 14.23
C VAL B 42 -10.59 28.73 13.11
N ASP B 43 -9.90 28.93 11.99
CA ASP B 43 -10.50 29.62 10.86
C ASP B 43 -10.91 28.49 9.92
N CYS B 44 -12.21 28.22 9.77
CA CYS B 44 -12.60 27.04 8.99
C CYS B 44 -12.19 27.10 7.54
N GLN B 45 -12.19 28.31 6.96
CA GLN B 45 -11.68 28.46 5.57
C GLN B 45 -10.21 28.07 5.48
N SER B 46 -9.40 28.52 6.45
CA SER B 46 -7.98 28.19 6.49
C SER B 46 -7.76 26.66 6.66
N VAL B 47 -8.53 26.03 7.54
CA VAL B 47 -8.53 24.58 7.64
C VAL B 47 -8.83 23.91 6.31
N TRP B 48 -9.89 24.35 5.62
CA TRP B 48 -10.22 23.72 4.33
C TRP B 48 -9.05 23.90 3.34
N ASP B 49 -8.49 25.12 3.29
CA ASP B 49 -7.34 25.44 2.40
C ASP B 49 -6.17 24.54 2.67
N ALA B 50 -5.90 24.31 3.96
CA ALA B 50 -4.83 23.40 4.33
C ALA B 50 -5.11 21.94 3.99
N PHE B 51 -6.36 21.54 4.13
CA PHE B 51 -6.78 20.16 3.86
C PHE B 51 -6.65 19.93 2.34
N LYS B 52 -7.26 20.83 1.57
CA LYS B 52 -7.13 20.80 0.10
C LYS B 52 -5.66 20.80 -0.36
N GLY B 53 -4.84 21.63 0.28
CA GLY B 53 -3.42 21.76 0.01
C GLY B 53 -2.66 20.45 0.10
N ALA B 54 -3.09 19.58 1.01
CA ALA B 54 -2.44 18.28 1.22
C ALA B 54 -2.48 17.37 0.01
N PHE B 55 -3.52 17.53 -0.83
CA PHE B 55 -3.73 16.53 -1.88
C PHE B 55 -4.06 17.07 -3.28
N ILE B 56 -4.52 18.32 -3.38
CA ILE B 56 -4.86 18.86 -4.67
C ILE B 56 -3.61 18.95 -5.54
N SER B 57 -3.75 18.58 -6.81
CA SER B 57 -2.62 18.67 -7.80
C SER B 57 -1.57 17.56 -7.65
N LYS B 58 -1.67 16.80 -6.58
CA LYS B 58 -0.71 15.75 -6.24
C LYS B 58 -1.16 14.42 -6.78
N HIS B 59 -0.19 13.61 -7.21
CA HIS B 59 -0.53 12.28 -7.64
C HIS B 59 -1.08 11.48 -6.45
N PRO B 60 -2.29 10.90 -6.58
CA PRO B 60 -2.88 10.33 -5.34
C PRO B 60 -2.28 9.01 -4.86
N CYS B 61 -1.17 8.59 -5.47
CA CYS B 61 -0.37 7.50 -4.88
C CYS B 61 0.92 8.01 -4.21
N ASP B 62 1.13 9.34 -4.19
CA ASP B 62 2.40 9.93 -3.76
C ASP B 62 2.24 10.87 -2.57
N ILE B 63 1.15 10.65 -1.84
CA ILE B 63 0.83 11.52 -0.67
C ILE B 63 1.75 11.16 0.49
N THR B 64 2.17 12.16 1.25
CA THR B 64 3.10 11.93 2.34
C THR B 64 2.49 12.50 3.60
N GLU B 65 2.96 12.04 4.75
CA GLU B 65 2.47 12.68 5.99
C GLU B 65 2.83 14.17 6.08
N GLU B 66 3.96 14.55 5.49
CA GLU B 66 4.35 15.98 5.43
C GLU B 66 3.35 16.82 4.65
N ASP B 67 2.68 16.20 3.67
CA ASP B 67 1.63 16.88 2.95
C ASP B 67 0.53 17.36 3.92
N TYR B 68 0.26 16.58 4.96
CA TYR B 68 -0.81 16.93 5.89
C TYR B 68 -0.36 17.81 7.07
N GLN B 69 0.91 18.15 7.10
CA GLN B 69 1.42 18.89 8.28
C GLN B 69 0.72 20.25 8.49
N PRO B 70 0.56 21.04 7.43
CA PRO B 70 -0.18 22.30 7.64
C PRO B 70 -1.59 22.09 8.29
N LEU B 71 -2.34 21.11 7.79
CA LEU B 71 -3.61 20.79 8.38
C LEU B 71 -3.49 20.33 9.83
N MET B 72 -2.52 19.46 10.11
CA MET B 72 -2.30 18.99 11.49
C MET B 72 -2.02 20.19 12.38
N LYS B 73 -1.18 21.13 11.93
CA LYS B 73 -0.93 22.32 12.72
C LYS B 73 -2.19 23.14 13.02
N LEU B 74 -3.00 23.39 11.99
CA LEU B 74 -4.20 24.20 12.21
C LEU B 74 -5.19 23.48 13.10
N GLY B 75 -5.23 22.15 12.98
CA GLY B 75 -6.23 21.34 13.69
C GLY B 75 -5.76 20.91 15.07
N THR B 76 -4.59 21.39 15.51
CA THR B 76 -4.06 21.12 16.85
C THR B 76 -5.16 21.24 17.93
N GLN B 77 -5.28 20.17 18.74
CA GLN B 77 -6.35 20.10 19.72
C GLN B 77 -5.88 19.14 20.78
N THR B 78 -5.91 19.59 22.02
CA THR B 78 -5.51 18.75 23.14
C THR B 78 -6.78 18.29 23.81
N VAL B 79 -7.00 16.99 23.81
CA VAL B 79 -8.08 16.39 24.59
C VAL B 79 -7.45 15.71 25.80
N PRO B 80 -8.21 15.61 26.90
CA PRO B 80 -7.63 15.05 28.12
C PRO B 80 -7.07 13.67 27.79
N CYS B 81 -5.76 13.51 28.00
CA CYS B 81 -5.04 12.34 27.47
C CYS B 81 -5.44 11.01 28.08
N ASN B 82 -6.06 11.09 29.26
CA ASN B 82 -6.47 9.91 30.05
C ASN B 82 -7.91 9.49 29.71
N LYS B 83 -8.49 10.10 28.68
CA LYS B 83 -9.89 9.86 28.34
C LYS B 83 -10.08 9.40 26.89
N ILE B 84 -9.11 8.64 26.39
CA ILE B 84 -9.08 8.32 24.99
C ILE B 84 -9.66 6.93 24.73
N LEU B 85 -10.56 6.87 23.74
CA LEU B 85 -11.14 5.63 23.28
C LEU B 85 -10.73 5.38 21.85
N LEU B 86 -9.98 4.31 21.65
CA LEU B 86 -9.61 3.83 20.34
C LEU B 86 -10.63 2.78 19.94
N TRP B 87 -10.63 2.38 18.67
CA TRP B 87 -11.59 1.37 18.27
C TRP B 87 -11.05 0.71 17.02
N SER B 88 -11.54 -0.48 16.75
CA SER B 88 -11.19 -1.18 15.53
C SER B 88 -12.41 -1.92 15.02
N ARG B 89 -12.86 -1.56 13.81
CA ARG B 89 -13.99 -2.21 13.12
C ARG B 89 -15.32 -2.23 13.90
N ILE B 90 -15.50 -1.28 14.81
CA ILE B 90 -16.73 -1.16 15.60
C ILE B 90 -16.99 0.32 15.96
N LYS B 91 -16.97 1.17 14.95
CA LYS B 91 -16.99 2.62 15.20
C LYS B 91 -18.34 3.17 15.64
N ASP B 92 -19.43 2.58 15.18
CA ASP B 92 -20.77 3.04 15.55
C ASP B 92 -20.97 2.92 17.07
N LEU B 93 -20.68 1.77 17.65
CA LEU B 93 -20.80 1.63 19.11
C LEU B 93 -19.83 2.58 19.82
N ALA B 94 -18.59 2.65 19.33
CA ALA B 94 -17.63 3.56 19.94
C ALA B 94 -18.15 5.00 19.94
N HIS B 95 -18.77 5.44 18.85
CA HIS B 95 -19.27 6.81 18.76
C HIS B 95 -20.50 7.00 19.63
N GLN B 96 -21.39 5.99 19.64
CA GLN B 96 -22.59 6.02 20.48
C GLN B 96 -22.15 6.13 21.95
N PHE B 97 -21.10 5.41 22.31
CA PHE B 97 -20.55 5.49 23.66
C PHE B 97 -20.09 6.90 24.01
N THR B 98 -19.23 7.52 23.20
CA THR B 98 -18.79 8.88 23.54
C THR B 98 -19.87 9.95 23.38
N GLN B 99 -20.98 9.60 22.74
CA GLN B 99 -22.12 10.45 22.64
C GLN B 99 -22.76 10.55 24.05
N VAL B 100 -22.71 9.44 24.79
CA VAL B 100 -23.28 9.41 26.16
C VAL B 100 -22.24 9.78 27.22
N GLN B 101 -21.12 9.08 27.19
CA GLN B 101 -20.01 9.31 28.10
C GLN B 101 -19.19 10.45 27.53
N ARG B 102 -19.69 11.67 27.71
CA ARG B 102 -19.14 12.82 26.98
C ARG B 102 -17.76 13.22 27.49
N ASP B 103 -17.25 12.43 28.42
CA ASP B 103 -15.96 12.66 29.05
C ASP B 103 -14.83 11.99 28.27
N MET B 104 -15.21 11.27 27.21
CA MET B 104 -14.33 10.38 26.48
C MET B 104 -14.33 10.78 25.04
N PHE B 105 -13.22 10.49 24.35
CA PHE B 105 -13.00 10.97 23.01
C PHE B 105 -12.47 9.84 22.16
N THR B 106 -13.13 9.62 21.04
CA THR B 106 -12.49 8.89 19.93
C THR B 106 -11.85 9.92 19.02
N LEU B 107 -11.09 9.44 18.05
CA LEU B 107 -10.44 10.30 17.09
C LEU B 107 -11.45 11.19 16.37
N GLU B 108 -12.61 10.60 16.10
CA GLU B 108 -13.71 11.28 15.41
C GLU B 108 -14.42 12.32 16.23
N ASP B 109 -14.14 12.40 17.55
CA ASP B 109 -14.66 13.46 18.39
C ASP B 109 -13.69 14.67 18.42
N THR B 110 -12.56 14.56 17.71
CA THR B 110 -11.62 15.69 17.52
C THR B 110 -11.95 16.39 16.20
N LEU B 111 -11.54 17.63 16.06
CA LEU B 111 -11.92 18.42 14.92
C LEU B 111 -11.49 17.63 13.70
N LEU B 112 -10.22 17.24 13.64
CA LEU B 112 -9.75 16.61 12.37
C LEU B 112 -10.44 15.31 12.05
N GLY B 113 -10.67 14.45 13.06
CA GLY B 113 -11.38 13.19 12.81
C GLY B 113 -12.80 13.46 12.34
N TYR B 114 -13.44 14.44 12.99
CA TYR B 114 -14.82 14.74 12.70
C TYR B 114 -14.97 15.22 11.24
N LEU B 115 -13.99 16.01 10.81
CA LEU B 115 -14.06 16.60 9.45
C LEU B 115 -14.06 15.46 8.46
N ALA B 116 -13.26 14.43 8.71
CA ALA B 116 -12.93 13.42 7.64
C ALA B 116 -13.80 12.15 7.72
N ASP B 117 -14.47 11.93 8.84
CA ASP B 117 -15.10 10.64 9.11
C ASP B 117 -16.07 10.26 8.02
N ASP B 118 -15.96 9.04 7.47
CA ASP B 118 -16.86 8.52 6.43
C ASP B 118 -16.71 9.19 5.05
N LEU B 119 -15.75 10.06 4.89
CA LEU B 119 -15.57 10.72 3.58
C LEU B 119 -14.43 10.08 2.81
N THR B 120 -14.43 10.29 1.50
CA THR B 120 -13.34 9.87 0.64
C THR B 120 -12.94 11.11 -0.16
N TRP B 121 -11.65 11.26 -0.47
CA TRP B 121 -11.26 12.38 -1.39
C TRP B 121 -9.95 12.03 -2.11
N CYS B 122 -9.73 12.62 -3.28
CA CYS B 122 -8.43 12.54 -3.92
C CYS B 122 -8.42 13.58 -5.02
N GLY B 123 -7.23 13.90 -5.51
CA GLY B 123 -7.11 14.85 -6.58
C GLY B 123 -6.50 14.17 -7.79
N GLU B 124 -5.91 14.97 -8.60
CA GLU B 124 -5.47 14.52 -9.91
C GLU B 124 -4.13 15.08 -10.03
N PHE B 125 -3.30 14.31 -10.66
CA PHE B 125 -2.01 14.71 -10.80
C PHE B 125 -2.01 15.93 -11.75
N ASP B 126 -1.44 17.03 -11.29
CA ASP B 126 -1.19 18.20 -12.12
C ASP B 126 -2.43 18.86 -12.77
N THR B 127 -3.61 18.67 -12.17
CA THR B 127 -4.70 19.64 -12.36
C THR B 127 -5.10 20.05 -10.98
N SER B 128 -5.92 21.09 -10.90
CA SER B 128 -6.44 21.52 -9.60
C SER B 128 -7.73 20.81 -9.23
N LYS B 129 -8.11 19.80 -10.01
CA LYS B 129 -9.47 19.26 -9.89
C LYS B 129 -9.58 18.16 -8.85
N ILE B 130 -10.74 18.07 -8.20
CA ILE B 130 -10.98 16.94 -7.27
C ILE B 130 -11.50 15.78 -8.12
N ASN B 131 -11.07 14.55 -7.83
CA ASN B 131 -11.59 13.39 -8.58
C ASN B 131 -12.85 12.83 -7.93
N TYR B 132 -14.00 13.10 -8.53
CA TYR B 132 -15.24 12.61 -7.98
C TYR B 132 -15.67 11.23 -8.50
N GLN B 133 -14.89 10.68 -9.43
CA GLN B 133 -15.26 9.43 -10.08
C GLN B 133 -14.61 8.21 -9.43
N SER B 134 -13.34 8.29 -9.03
CA SER B 134 -12.71 7.19 -8.39
C SER B 134 -11.46 7.70 -7.68
N CYS B 135 -11.05 6.96 -6.66
CA CYS B 135 -9.82 7.25 -5.86
C CYS B 135 -9.16 5.89 -5.55
N PRO B 136 -7.85 5.88 -5.30
CA PRO B 136 -7.06 4.66 -5.13
C PRO B 136 -7.61 3.82 -4.00
N ASP B 137 -7.78 2.56 -4.27
CA ASP B 137 -8.07 1.59 -3.23
C ASP B 137 -6.74 1.26 -2.58
N TRP B 138 -6.70 1.28 -1.26
CA TRP B 138 -5.43 1.06 -0.52
C TRP B 138 -4.73 -0.25 -0.89
N ARG B 139 -5.51 -1.29 -1.17
CA ARG B 139 -4.95 -2.59 -1.52
C ARG B 139 -4.72 -2.81 -3.02
N LYS B 140 -5.72 -2.49 -3.85
CA LYS B 140 -5.64 -2.78 -5.28
C LYS B 140 -4.82 -1.75 -6.05
N ASP B 141 -4.76 -0.52 -5.55
CA ASP B 141 -4.05 0.56 -6.26
C ASP B 141 -2.76 0.94 -5.54
N CYS B 142 -2.86 1.66 -4.42
CA CYS B 142 -1.67 2.12 -3.76
C CYS B 142 -2.01 2.63 -2.38
N SER B 143 -1.09 2.42 -1.43
CA SER B 143 -1.46 2.74 -0.06
C SER B 143 -1.21 4.18 0.29
N ASN B 144 -0.31 4.86 -0.43
CA ASN B 144 -0.01 6.28 -0.07
C ASN B 144 -0.98 7.26 -0.74
N ASN B 145 -2.25 7.05 -0.45
CA ASN B 145 -3.30 7.83 -1.08
C ASN B 145 -3.87 8.87 -0.07
N PRO B 146 -4.59 9.89 -0.58
CA PRO B 146 -4.98 10.97 0.30
C PRO B 146 -5.72 10.50 1.55
N VAL B 147 -6.61 9.53 1.42
CA VAL B 147 -7.43 9.17 2.59
C VAL B 147 -6.58 8.33 3.53
N SER B 148 -5.85 7.36 3.00
CA SER B 148 -5.11 6.44 3.88
C SER B 148 -4.03 7.22 4.63
N VAL B 149 -3.38 8.15 3.95
CA VAL B 149 -2.24 8.86 4.58
C VAL B 149 -2.82 9.76 5.68
N PHE B 150 -3.94 10.38 5.39
CA PHE B 150 -4.61 11.24 6.36
C PHE B 150 -4.83 10.46 7.65
N TRP B 151 -5.43 9.28 7.57
CA TRP B 151 -5.83 8.58 8.81
C TRP B 151 -4.58 8.06 9.53
N LYS B 152 -3.56 7.64 8.76
CA LYS B 152 -2.30 7.16 9.36
C LYS B 152 -1.68 8.29 10.17
N THR B 153 -1.76 9.51 9.64
CA THR B 153 -1.06 10.62 10.24
C THR B 153 -1.78 11.07 11.49
N VAL B 154 -3.08 11.27 11.37
CA VAL B 154 -3.88 11.74 12.53
C VAL B 154 -3.97 10.71 13.62
N SER B 155 -4.05 9.44 13.22
CA SER B 155 -4.13 8.33 14.19
C SER B 155 -2.82 8.23 14.98
N ARG B 156 -1.70 8.42 14.29
CA ARG B 156 -0.42 8.45 14.97
C ARG B 156 -0.36 9.53 16.05
N ARG B 157 -0.73 10.75 15.67
CA ARG B 157 -0.65 11.85 16.60
C ARG B 157 -1.55 11.58 17.82
N PHE B 158 -2.75 11.08 17.52
CA PHE B 158 -3.71 10.77 18.57
C PHE B 158 -3.17 9.74 19.54
N ALA B 159 -2.63 8.65 19.02
CA ALA B 159 -2.09 7.59 19.90
C ALA B 159 -0.93 8.15 20.73
N GLU B 160 -0.09 8.98 20.10
CA GLU B 160 1.12 9.51 20.74
C GLU B 160 0.78 10.41 21.93
N ALA B 161 -0.40 11.00 21.88
CA ALA B 161 -0.87 11.93 22.89
C ALA B 161 -1.52 11.23 24.08
N ALA B 162 -1.99 10.00 23.88
CA ALA B 162 -2.70 9.26 24.94
C ALA B 162 -1.86 8.94 26.16
N CYS B 163 -2.52 8.86 27.32
CA CYS B 163 -1.81 8.64 28.57
C CYS B 163 -2.70 7.84 29.51
N ASP B 164 -2.09 7.39 30.60
CA ASP B 164 -2.75 6.66 31.70
C ASP B 164 -3.44 5.39 31.20
N VAL B 165 -4.77 5.27 31.32
CA VAL B 165 -5.44 4.11 30.79
C VAL B 165 -6.08 4.47 29.46
N VAL B 166 -5.70 3.74 28.42
CA VAL B 166 -6.28 3.94 27.09
C VAL B 166 -7.20 2.74 26.88
N HIS B 167 -8.42 3.00 26.42
CA HIS B 167 -9.38 1.93 26.17
C HIS B 167 -9.48 1.75 24.68
N VAL B 168 -9.72 0.51 24.27
CA VAL B 168 -9.99 0.22 22.86
C VAL B 168 -11.22 -0.66 22.77
N MET B 169 -12.17 -0.26 21.91
CA MET B 169 -13.29 -1.13 21.63
C MET B 169 -12.97 -2.01 20.45
N LEU B 170 -13.17 -3.31 20.62
CA LEU B 170 -12.90 -4.27 19.57
C LEU B 170 -14.16 -5.07 19.27
N ASP B 171 -14.36 -5.41 18.00
CA ASP B 171 -15.53 -6.16 17.57
C ASP B 171 -15.39 -7.69 17.75
N GLY B 172 -16.15 -8.23 18.70
CA GLY B 172 -16.00 -9.62 19.11
C GLY B 172 -16.61 -10.65 18.18
N SER B 173 -17.39 -10.20 17.22
CA SER B 173 -17.95 -11.11 16.20
C SER B 173 -17.08 -11.17 14.94
N ARG B 174 -15.90 -10.54 15.00
CA ARG B 174 -14.92 -10.59 13.92
C ARG B 174 -14.12 -11.89 14.03
N SER B 175 -13.75 -12.45 12.88
CA SER B 175 -12.82 -13.59 12.83
C SER B 175 -11.38 -13.15 13.12
N LYS B 176 -11.20 -11.84 13.26
CA LYS B 176 -9.96 -11.21 13.65
C LYS B 176 -10.35 -10.11 14.62
N ILE B 177 -10.55 -10.45 15.89
CA ILE B 177 -11.00 -9.45 16.87
C ILE B 177 -9.95 -8.35 16.99
N PHE B 178 -8.71 -8.75 17.19
CA PHE B 178 -7.59 -7.84 16.95
C PHE B 178 -6.99 -8.19 15.60
N ASP B 179 -6.81 -7.16 14.78
CA ASP B 179 -6.23 -7.32 13.47
C ASP B 179 -5.01 -6.42 13.38
N LYS B 180 -3.86 -7.07 13.36
CA LYS B 180 -2.54 -6.45 13.30
C LYS B 180 -2.45 -5.43 12.16
N ASP B 181 -3.33 -5.58 11.19
CA ASP B 181 -3.28 -4.82 9.94
C ASP B 181 -4.19 -3.60 9.90
N SER B 182 -5.02 -3.44 10.93
CA SER B 182 -5.94 -2.32 11.00
C SER B 182 -5.19 -1.03 11.35
N THR B 183 -5.86 0.11 11.26
CA THR B 183 -5.24 1.37 11.67
C THR B 183 -4.89 1.28 13.16
N PHE B 184 -5.80 0.70 13.96
CA PHE B 184 -5.49 0.48 15.38
C PHE B 184 -4.27 -0.42 15.57
N GLY B 185 -4.26 -1.58 14.90
CA GLY B 185 -3.15 -2.53 15.00
C GLY B 185 -1.81 -2.11 14.43
N SER B 186 -1.83 -1.36 13.33
CA SER B 186 -0.62 -1.02 12.58
C SER B 186 0.03 0.33 12.94
N VAL B 187 -0.79 1.30 13.35
CA VAL B 187 -0.33 2.66 13.62
C VAL B 187 -0.48 2.99 15.11
N GLU B 188 -1.64 2.66 15.66
CA GLU B 188 -1.96 3.19 16.99
C GLU B 188 -1.27 2.43 18.11
N VAL B 189 -1.38 1.12 18.07
CA VAL B 189 -0.75 0.28 19.09
C VAL B 189 0.73 0.64 19.30
N HIS B 190 1.44 0.78 18.19
CA HIS B 190 2.87 0.99 18.20
C HIS B 190 3.28 2.42 18.53
N ASN B 191 2.29 3.30 18.70
CA ASN B 191 2.58 4.67 19.09
C ASN B 191 2.10 5.04 20.47
N LEU B 192 1.59 4.05 21.19
CA LEU B 192 1.35 4.20 22.62
C LEU B 192 2.66 4.26 23.39
N GLN B 193 2.87 5.38 24.07
CA GLN B 193 4.14 5.66 24.77
C GLN B 193 4.13 5.18 26.22
N PRO B 194 5.00 4.20 26.55
CA PRO B 194 5.05 3.69 27.94
C PRO B 194 5.38 4.74 29.03
N GLU B 195 5.97 5.86 28.64
CA GLU B 195 6.21 6.96 29.59
C GLU B 195 4.90 7.65 29.99
N LYS B 196 3.88 7.51 29.14
CA LYS B 196 2.61 8.16 29.33
C LYS B 196 1.52 7.16 29.64
N VAL B 197 1.53 6.03 28.94
CA VAL B 197 0.44 5.04 29.04
C VAL B 197 0.80 3.92 30.02
N GLN B 198 -0.05 3.71 31.02
CA GLN B 198 0.17 2.59 31.92
C GLN B 198 -0.54 1.32 31.48
N THR B 199 -1.73 1.47 30.88
CA THR B 199 -2.58 0.32 30.59
C THR B 199 -3.28 0.53 29.27
N LEU B 200 -3.37 -0.54 28.49
CA LEU B 200 -4.38 -0.56 27.42
C LEU B 200 -5.46 -1.54 27.85
N GLU B 201 -6.69 -1.06 27.96
CA GLU B 201 -7.80 -1.93 28.33
C GLU B 201 -8.69 -2.09 27.10
N ALA B 202 -8.76 -3.33 26.62
CA ALA B 202 -9.67 -3.68 25.52
C ALA B 202 -11.05 -4.07 26.02
N TRP B 203 -12.05 -3.55 25.33
CA TRP B 203 -13.43 -3.93 25.56
C TRP B 203 -13.89 -4.69 24.34
N VAL B 204 -14.06 -6.00 24.51
CA VAL B 204 -14.44 -6.85 23.41
C VAL B 204 -15.95 -7.01 23.37
N ILE B 205 -16.56 -6.43 22.35
CA ILE B 205 -18.00 -6.38 22.20
C ILE B 205 -18.53 -7.63 21.52
N HIS B 206 -19.34 -8.40 22.23
CA HIS B 206 -20.05 -9.56 21.66
C HIS B 206 -21.16 -9.14 20.66
N GLY B 207 -21.39 -9.96 19.63
CA GLY B 207 -22.39 -9.64 18.60
C GLY B 207 -23.12 -10.81 17.93
N GLY B 208 -23.36 -11.88 18.70
CA GLY B 208 -24.08 -13.04 18.18
C GLY B 208 -25.25 -13.42 19.07
N ARG B 209 -26.15 -14.24 18.54
CA ARG B 209 -27.33 -14.68 19.31
C ARG B 209 -26.96 -15.28 20.66
N GLU B 210 -27.93 -15.23 21.59
CA GLU B 210 -27.82 -15.83 22.93
C GLU B 210 -26.57 -15.36 23.70
N ASP B 211 -26.22 -16.12 24.73
CA ASP B 211 -24.99 -15.90 25.52
C ASP B 211 -23.74 -16.24 24.68
N SER B 212 -22.56 -16.16 25.30
CA SER B 212 -21.31 -16.40 24.58
C SER B 212 -20.11 -16.80 25.48
N ARG B 213 -18.91 -16.71 24.90
CA ARG B 213 -17.67 -17.19 25.49
C ARG B 213 -16.79 -16.05 26.01
N ASP B 214 -15.67 -16.42 26.66
CA ASP B 214 -14.69 -15.43 27.11
C ASP B 214 -13.74 -15.10 25.97
N LEU B 215 -14.10 -14.05 25.23
CA LEU B 215 -13.36 -13.63 24.03
C LEU B 215 -12.04 -12.96 24.38
N CYS B 216 -11.88 -12.55 25.64
CA CYS B 216 -10.59 -12.11 26.13
C CYS B 216 -9.53 -13.24 26.00
N GLN B 217 -9.98 -14.47 25.76
CA GLN B 217 -9.03 -15.57 25.56
C GLN B 217 -8.74 -15.87 24.09
N ASP B 218 -9.30 -15.07 23.19
CA ASP B 218 -9.10 -15.25 21.76
C ASP B 218 -7.62 -15.08 21.44
N PRO B 219 -7.08 -15.94 20.55
CA PRO B 219 -5.66 -15.84 20.22
C PRO B 219 -5.24 -14.46 19.72
N THR B 220 -6.11 -13.78 18.97
CA THR B 220 -5.77 -12.46 18.45
C THR B 220 -5.66 -11.45 19.59
N ILE B 221 -6.35 -11.73 20.70
CA ILE B 221 -6.26 -10.90 21.93
C ILE B 221 -4.98 -11.21 22.70
N LYS B 222 -4.61 -12.48 22.77
CA LYS B 222 -3.31 -12.85 23.35
C LYS B 222 -2.15 -12.25 22.54
N GLU B 223 -2.35 -12.12 21.23
CA GLU B 223 -1.37 -11.43 20.39
C GLU B 223 -1.34 -9.93 20.72
N LEU B 224 -2.51 -9.31 20.83
CA LEU B 224 -2.57 -7.91 21.22
C LEU B 224 -1.86 -7.72 22.56
N GLU B 225 -2.25 -8.53 23.54
CA GLU B 225 -1.64 -8.52 24.86
C GLU B 225 -0.12 -8.69 24.75
N SER B 226 0.31 -9.67 23.95
CA SER B 226 1.73 -9.87 23.69
C SER B 226 2.41 -8.58 23.19
N ILE B 227 1.78 -7.92 22.22
CA ILE B 227 2.33 -6.70 21.63
C ILE B 227 2.49 -5.52 22.61
N ILE B 228 1.46 -5.21 23.40
CA ILE B 228 1.61 -4.09 24.36
C ILE B 228 2.46 -4.47 25.57
N SER B 229 2.47 -5.76 25.92
CA SER B 229 3.38 -6.29 26.94
C SER B 229 4.79 -5.86 26.62
N LYS B 230 5.20 -6.07 25.39
CA LYS B 230 6.58 -5.81 24.97
C LYS B 230 6.93 -4.32 24.94
N ARG B 231 5.90 -3.48 24.77
CA ARG B 231 6.00 -2.02 24.83
C ARG B 231 6.11 -1.46 26.26
N ASN B 232 6.07 -2.37 27.24
CA ASN B 232 6.08 -2.03 28.67
C ASN B 232 4.82 -1.29 29.12
N ILE B 233 3.68 -1.83 28.70
CA ILE B 233 2.36 -1.30 29.03
C ILE B 233 1.54 -2.49 29.52
N GLN B 234 0.77 -2.29 30.59
CA GLN B 234 -0.12 -3.32 31.10
C GLN B 234 -1.29 -3.55 30.16
N PHE B 235 -1.69 -4.82 30.00
CA PHE B 235 -2.89 -5.14 29.26
C PHE B 235 -4.04 -5.57 30.16
N SER B 236 -5.23 -5.09 29.85
CA SER B 236 -6.44 -5.54 30.49
C SER B 236 -7.48 -5.78 29.40
N CYS B 237 -8.36 -6.74 29.64
CA CYS B 237 -9.42 -7.03 28.69
C CYS B 237 -10.74 -7.33 29.39
N LYS B 238 -11.84 -6.88 28.80
CA LYS B 238 -13.15 -7.09 29.39
C LYS B 238 -14.15 -7.51 28.33
N ASN B 239 -14.93 -8.54 28.65
CA ASN B 239 -16.00 -8.92 27.76
C ASN B 239 -17.20 -8.00 27.97
N ILE B 240 -17.78 -7.55 26.88
CA ILE B 240 -19.07 -6.85 26.94
C ILE B 240 -20.07 -7.76 26.22
N TYR B 241 -20.94 -8.39 27.02
CA TYR B 241 -21.82 -9.43 26.50
C TYR B 241 -23.07 -8.88 25.81
N ARG B 242 -23.55 -7.74 26.31
CA ARG B 242 -24.74 -7.10 25.78
C ARG B 242 -24.47 -5.62 25.44
N PRO B 243 -23.94 -5.34 24.22
CA PRO B 243 -23.77 -3.96 23.73
C PRO B 243 -24.99 -3.07 23.97
N ASP B 244 -26.16 -3.65 23.73
CA ASP B 244 -27.45 -3.00 23.96
C ASP B 244 -27.66 -2.58 25.42
N LYS B 245 -27.41 -3.49 26.36
CA LYS B 245 -27.54 -3.19 27.79
C LYS B 245 -26.40 -2.30 28.26
N PHE B 246 -25.19 -2.62 27.83
CA PHE B 246 -24.01 -1.80 28.12
C PHE B 246 -24.33 -0.32 27.89
N LEU B 247 -24.81 -0.01 26.68
CA LEU B 247 -25.16 1.38 26.34
C LEU B 247 -26.24 2.00 27.21
N GLN B 248 -27.23 1.20 27.60
CA GLN B 248 -28.30 1.62 28.51
C GLN B 248 -27.74 1.95 29.88
N CYS B 249 -26.74 1.17 30.30
CA CYS B 249 -26.09 1.38 31.58
C CYS B 249 -25.24 2.64 31.59
N VAL B 250 -24.61 2.94 30.45
CA VAL B 250 -23.86 4.18 30.30
C VAL B 250 -24.81 5.39 30.33
N LYS B 251 -26.00 5.21 29.73
CA LYS B 251 -27.02 6.25 29.65
C LYS B 251 -27.70 6.41 30.99
N ASN B 252 -28.04 5.29 31.62
CA ASN B 252 -28.70 5.30 32.94
C ASN B 252 -27.76 4.81 34.02
N PRO B 253 -26.88 5.71 34.51
CA PRO B 253 -25.78 5.30 35.37
C PRO B 253 -26.33 4.74 36.68
N GLU B 254 -27.07 5.57 37.40
CA GLU B 254 -27.62 5.16 38.70
C GLU B 254 -29.11 4.83 38.60
N ASP B 255 -29.44 4.02 37.60
CA ASP B 255 -30.75 3.37 37.48
C ASP B 255 -30.61 2.08 36.66
N SER B 256 -31.73 1.40 36.42
CA SER B 256 -31.77 0.09 35.73
C SER B 256 -30.70 -0.89 36.22
N SER B 257 -30.89 -1.44 37.41
CA SER B 257 -29.91 -2.31 38.07
C SER B 257 -29.05 -3.13 37.09
N CYS B 258 -27.83 -2.65 36.86
CA CYS B 258 -26.93 -3.22 35.86
C CYS B 258 -26.20 -4.44 36.38
O2P RGT C . 4.65 -3.45 -17.19
P RGT C . 6.12 -3.05 -17.43
O3P RGT C . 6.56 -1.69 -16.86
O1P RGT C . 6.61 -3.35 -18.87
O5R RGT C . 6.97 -4.11 -16.51
C5R RGT C . 8.41 -4.08 -16.42
C4R RGT C . 8.93 -3.61 -15.05
O4R RGT C . 8.34 -4.43 -14.04
C3R RGT C . 10.44 -3.75 -14.89
O3R RGT C . 10.99 -2.54 -14.36
C2R RGT C . 10.67 -4.82 -13.84
O2R RGT C . 11.45 -4.21 -12.81
C1R RGT C . 9.31 -5.07 -13.22
O6 RGT C . 8.19 -6.53 -13.77
C6 RGT C . 7.96 -7.47 -14.53
C5 RGT C . 6.67 -7.67 -14.91
C4 RGT C . 6.40 -8.72 -15.79
N3 RGT C . 7.38 -9.55 -16.28
C2 RGT C . 8.69 -9.36 -15.89
N2 RGT C . 9.68 -10.16 -16.34
N1 RGT C . 8.95 -8.32 -15.01
N7 RGT C . 5.54 -7.02 -14.59
C8 RGT C . 4.51 -7.64 -15.25
N9 RGT C . 5.05 -8.69 -15.99
C1' RGT C . 4.39 -9.68 -16.86
C2' RGT C . 2.87 -9.69 -16.80
O2' RGT C . 2.38 -10.13 -15.54
C3' RGT C . 2.64 -10.67 -17.92
O3' RGT C . 3.01 -11.96 -17.44
O4' RGT C . 4.70 -9.54 -18.24
C4' RGT C . 3.68 -10.24 -18.96
C5' RGT C . 3.09 -9.42 -20.10
O5' RGT C . 2.55 -8.21 -19.60
PA RGT C . 2.34 -6.90 -20.53
O1A RGT C . 3.19 -6.97 -21.80
O2A RGT C . 2.61 -5.67 -19.71
O3A RGT C . 0.80 -6.96 -20.98
PB RGT C . -0.39 -6.88 -19.90
O1B RGT C . -0.33 -5.56 -19.14
O2B RGT C . -0.37 -8.07 -18.95
O3B RGT C . -1.70 -6.89 -20.89
PG RGT C . -3.22 -6.98 -20.32
O1G RGT C . -3.96 -5.79 -20.90
O3G RGT C . -3.21 -6.93 -18.80
O2G RGT C . -3.88 -8.27 -20.78
OP3 N D . -8.53 -0.22 13.29
P N D . -9.40 0.32 12.17
OP1 N D . -10.82 -0.20 12.16
OP2 N D . -8.77 0.27 10.77
O5' N D . -9.46 1.93 12.51
C5' N D . -9.91 2.44 13.79
C4' N D . -8.95 3.41 14.51
O4' N D . -8.60 4.48 13.62
C3' N D . -9.58 4.07 15.74
O3' N D . -8.92 3.76 16.97
C2' N D . -9.53 5.58 15.55
O2' N D . -8.70 6.22 16.54
C1' N D . -8.95 5.76 14.17
PG GTP E . -11.05 -4.33 3.55
O1G GTP E . -11.61 -5.61 4.12
O2G GTP E . -11.33 -4.27 2.06
O3G GTP E . -9.56 -4.28 3.76
O3B GTP E . -11.77 -3.08 4.30
PB GTP E . -11.19 -2.51 5.70
O1B GTP E . -11.11 -3.65 6.70
O2B GTP E . -9.82 -1.89 5.49
O3A GTP E . -12.27 -1.42 6.24
PA GTP E . -11.86 -0.09 7.07
O1A GTP E . -12.89 0.21 8.13
O2A GTP E . -10.48 -0.25 7.72
O5' GTP E . -11.85 1.06 5.94
C5' GTP E . -13.04 1.72 5.55
C4' GTP E . -12.88 3.24 5.71
O4' GTP E . -12.43 3.57 7.03
C3' GTP E . -11.83 3.80 4.75
O3' GTP E . -12.23 5.08 4.27
C2' GTP E . -10.59 3.90 5.64
O2' GTP E . -9.57 4.74 5.15
C1' GTP E . -11.30 4.43 6.88
N9 GTP E . -10.44 4.58 8.07
C8 GTP E . -9.17 4.10 8.30
N7 GTP E . -8.76 4.52 9.51
C5 GTP E . -9.75 5.26 10.04
C6 GTP E . -9.86 5.90 11.25
O6 GTP E . -8.90 5.84 12.01
N1 GTP E . -11.01 6.61 11.55
C2 GTP E . -12.07 6.66 10.66
N2 GTP E . -13.16 7.34 10.98
N3 GTP E . -11.95 6.01 9.45
C4 GTP E . -10.82 5.32 9.16
#